data_4MGQ
#
_entry.id   4MGQ
#
_cell.length_a   68.683
_cell.length_b   68.683
_cell.length_c   111.471
_cell.angle_alpha   90.00
_cell.angle_beta   90.00
_cell.angle_gamma   120.00
#
_symmetry.space_group_name_H-M   'P 31 2 1'
#
loop_
_entity.id
_entity.type
_entity.pdbx_description
1 polymer 'Glycosyl hydrolase family 10'
2 non-polymer 'CALCIUM ION'
3 water water
#
_entity_poly.entity_id   1
_entity_poly.type   'polypeptide(L)'
_entity_poly.pdbx_seq_one_letter_code
;QVAYLNSLITDPNATKHVLYIHMGEPKTNNWDRELYVNPTTELQSGKTYTLKLRVKTSAACDVTVWPQGDATQYWPTPSF
KSTTEWTTVAQAFEAKSALKQLRFELGTLGGDIWMDDVQLLDPDGNNLIANGTFEENADGWTKPSWHEYEIKTVADPDQE
GGGGGMTE
;
_entity_poly.pdbx_strand_id   A
#
# COMPACT_ATOMS: atom_id res chain seq x y z
N GLN A 1 1.59 26.64 -19.15
CA GLN A 1 0.16 26.68 -19.47
C GLN A 1 -0.30 25.34 -20.05
N VAL A 2 0.39 24.90 -21.09
CA VAL A 2 0.04 23.65 -21.76
C VAL A 2 0.14 22.46 -20.80
N ALA A 3 1.21 22.40 -20.01
CA ALA A 3 1.36 21.32 -19.04
C ALA A 3 0.20 21.30 -18.04
N TYR A 4 -0.18 22.47 -17.57
CA TYR A 4 -1.24 22.54 -16.56
C TYR A 4 -2.59 22.12 -17.15
N LEU A 5 -2.89 22.60 -18.36
CA LEU A 5 -4.15 22.27 -19.00
C LEU A 5 -4.23 20.76 -19.24
N ASN A 6 -3.14 20.17 -19.70
CA ASN A 6 -3.09 18.73 -19.85
C ASN A 6 -3.41 18.00 -18.54
N SER A 7 -2.87 18.51 -17.43
CA SER A 7 -3.04 17.85 -16.14
C SER A 7 -4.50 17.88 -15.66
N LEU A 8 -5.28 18.83 -16.16
CA LEU A 8 -6.67 19.00 -15.71
C LEU A 8 -7.65 18.11 -16.46
N ILE A 9 -7.20 17.58 -17.60
CA ILE A 9 -8.09 16.74 -18.41
C ILE A 9 -8.41 15.42 -17.72
N THR A 10 -9.69 15.20 -17.49
CA THR A 10 -10.19 13.92 -17.01
C THR A 10 -10.28 12.96 -18.19
N ASP A 11 -9.76 11.75 -17.99
CA ASP A 11 -9.74 10.76 -19.08
C ASP A 11 -9.59 9.38 -18.48
N PRO A 12 -10.70 8.70 -18.22
CA PRO A 12 -10.70 7.40 -17.53
C PRO A 12 -9.96 6.31 -18.30
N ASN A 13 -9.78 6.49 -19.61
CA ASN A 13 -9.16 5.46 -20.42
C ASN A 13 -7.72 5.80 -20.82
N ALA A 14 -7.22 6.92 -20.31
CA ALA A 14 -5.78 7.17 -20.35
C ALA A 14 -5.11 6.12 -19.48
N THR A 15 -3.89 5.74 -19.82
CA THR A 15 -3.20 4.69 -19.08
C THR A 15 -3.01 5.11 -17.63
N LYS A 16 -3.46 4.25 -16.71
CA LYS A 16 -3.25 4.42 -15.29
C LYS A 16 -2.05 3.58 -14.89
N HIS A 17 -1.30 4.03 -13.89
CA HIS A 17 -0.15 3.24 -13.41
C HIS A 17 -0.33 2.85 -11.97
N VAL A 18 0.17 1.66 -11.63
CA VAL A 18 -0.06 1.08 -10.31
C VAL A 18 1.22 0.46 -9.79
N LEU A 19 1.28 0.27 -8.48
CA LEU A 19 2.36 -0.50 -7.87
C LEU A 19 2.13 -1.98 -8.18
N TYR A 20 3.18 -2.67 -8.56
CA TYR A 20 3.08 -4.08 -8.93
C TYR A 20 4.20 -4.89 -8.30
N ILE A 21 3.84 -5.97 -7.62
CA ILE A 21 4.82 -6.91 -7.11
C ILE A 21 4.53 -8.30 -7.62
N HIS A 22 5.43 -8.84 -8.42
CA HIS A 22 5.37 -10.27 -8.72
C HIS A 22 5.96 -11.00 -7.52
N MET A 23 5.10 -11.66 -6.75
CA MET A 23 5.55 -12.31 -5.53
C MET A 23 6.16 -13.68 -5.80
N GLY A 24 5.57 -14.42 -6.72
CA GLY A 24 6.01 -15.80 -6.97
C GLY A 24 5.37 -16.75 -5.96
N GLU A 25 6.03 -17.87 -5.69
CA GLU A 25 5.46 -18.88 -4.80
C GLU A 25 5.43 -18.45 -3.32
N PRO A 26 4.44 -18.93 -2.55
CA PRO A 26 4.37 -18.58 -1.13
C PRO A 26 5.61 -18.99 -0.38
N LYS A 27 5.99 -18.17 0.59
CA LYS A 27 7.07 -18.49 1.51
C LYS A 27 6.47 -19.07 2.79
N THR A 28 7.34 -19.43 3.73
CA THR A 28 6.89 -20.07 4.96
C THR A 28 6.22 -19.11 5.95
N ASN A 29 6.81 -17.93 6.14
CA ASN A 29 6.34 -16.99 7.16
C ASN A 29 5.85 -15.68 6.54
N ASN A 30 4.90 -15.04 7.24
CA ASN A 30 4.49 -13.65 6.97
C ASN A 30 5.63 -12.73 6.61
N TRP A 31 6.67 -12.80 7.44
CA TRP A 31 7.75 -11.84 7.36
C TRP A 31 8.79 -12.18 6.30
N ASP A 32 8.61 -13.26 5.54
CA ASP A 32 9.59 -13.63 4.53
C ASP A 32 9.51 -12.78 3.26
N ARG A 33 8.47 -11.97 3.16
CA ARG A 33 8.32 -11.05 2.03
C ARG A 33 7.59 -9.84 2.56
N GLU A 34 8.29 -8.71 2.67
CA GLU A 34 7.68 -7.51 3.23
C GLU A 34 7.86 -6.31 2.32
N LEU A 35 6.84 -5.46 2.31
CA LEU A 35 6.80 -4.19 1.61
C LEU A 35 6.55 -3.08 2.63
N TYR A 36 7.34 -2.01 2.56
CA TYR A 36 7.29 -0.94 3.55
C TYR A 36 6.94 0.40 2.97
N VAL A 37 6.17 1.18 3.73
CA VAL A 37 6.02 2.61 3.42
C VAL A 37 5.96 3.37 4.74
N ASN A 38 6.56 4.56 4.77
CA ASN A 38 6.57 5.35 6.00
C ASN A 38 5.66 6.57 5.88
N PRO A 39 4.67 6.70 6.79
CA PRO A 39 3.83 7.90 6.83
C PRO A 39 4.70 9.14 6.96
N THR A 40 4.31 10.22 6.30
CA THR A 40 5.13 11.43 6.28
C THR A 40 5.12 12.20 7.61
N THR A 41 4.13 11.89 8.45
CA THR A 41 4.11 12.28 9.85
C THR A 41 3.96 11.01 10.68
N GLU A 42 4.76 10.88 11.74
CA GLU A 42 4.65 9.74 12.64
C GLU A 42 3.24 9.61 13.22
N LEU A 43 2.72 8.38 13.27
CA LEU A 43 1.39 8.16 13.83
C LEU A 43 1.44 8.36 15.35
N GLN A 44 0.40 8.98 15.89
CA GLN A 44 0.34 9.33 17.32
C GLN A 44 -0.60 8.44 18.10
N SER A 45 -0.14 8.01 19.27
CA SER A 45 -0.93 7.18 20.15
C SER A 45 -2.29 7.83 20.45
N GLY A 46 -3.35 7.05 20.34
CA GLY A 46 -4.69 7.54 20.61
C GLY A 46 -5.44 8.11 19.42
N LYS A 47 -4.76 8.31 18.30
CA LYS A 47 -5.39 8.84 17.10
C LYS A 47 -5.77 7.71 16.15
N THR A 48 -6.90 7.86 15.46
CA THR A 48 -7.31 6.86 14.49
C THR A 48 -6.93 7.28 13.07
N TYR A 49 -6.35 6.32 12.35
CA TYR A 49 -5.86 6.55 10.99
C TYR A 49 -6.60 5.63 10.05
N THR A 50 -6.84 6.09 8.83
CA THR A 50 -7.59 5.29 7.86
C THR A 50 -6.75 5.03 6.63
N LEU A 51 -6.51 3.74 6.37
CA LEU A 51 -5.80 3.35 5.16
C LEU A 51 -6.80 3.19 4.02
N LYS A 52 -6.61 3.92 2.92
CA LYS A 52 -7.42 3.74 1.73
C LYS A 52 -6.55 3.32 0.57
N LEU A 53 -7.07 2.45 -0.29
CA LEU A 53 -6.36 2.10 -1.51
C LEU A 53 -7.29 1.28 -2.41
N ARG A 54 -6.86 1.00 -3.63
CA ARG A 54 -7.48 -0.08 -4.38
C ARG A 54 -6.45 -1.18 -4.57
N VAL A 55 -6.92 -2.41 -4.61
CA VAL A 55 -6.01 -3.55 -4.66
C VAL A 55 -6.57 -4.63 -5.58
N LYS A 56 -5.68 -5.40 -6.18
CA LYS A 56 -6.03 -6.53 -7.04
C LYS A 56 -4.97 -7.60 -6.80
N THR A 57 -5.38 -8.86 -6.69
CA THR A 57 -4.40 -9.94 -6.55
C THR A 57 -4.77 -11.07 -7.50
N SER A 58 -3.83 -11.96 -7.77
CA SER A 58 -4.10 -13.06 -8.70
C SER A 58 -4.86 -14.19 -7.99
N ALA A 59 -4.96 -14.09 -6.67
CA ALA A 59 -5.88 -14.93 -5.91
C ALA A 59 -6.43 -14.19 -4.70
N ALA A 60 -7.67 -14.48 -4.35
CA ALA A 60 -8.30 -13.88 -3.19
C ALA A 60 -7.45 -14.16 -1.96
N CYS A 61 -7.26 -13.14 -1.13
CA CYS A 61 -6.43 -13.29 0.05
C CYS A 61 -6.71 -12.20 1.07
N ASP A 62 -6.16 -12.41 2.27
CA ASP A 62 -6.01 -11.37 3.28
C ASP A 62 -4.67 -10.69 3.08
N VAL A 63 -4.65 -9.37 3.13
CA VAL A 63 -3.38 -8.67 3.09
C VAL A 63 -3.12 -8.08 4.46
N THR A 64 -2.09 -8.60 5.13
CA THR A 64 -1.77 -8.20 6.49
C THR A 64 -0.88 -6.96 6.52
N VAL A 65 -1.27 -5.97 7.33
CA VAL A 65 -0.48 -4.76 7.53
C VAL A 65 -0.22 -4.54 9.02
N TRP A 66 1.05 -4.52 9.41
CA TRP A 66 1.41 -4.23 10.81
C TRP A 66 2.09 -2.87 10.89
N PRO A 67 1.47 -1.91 11.57
CA PRO A 67 2.17 -0.64 11.86
C PRO A 67 3.34 -0.90 12.81
N GLN A 68 4.41 -0.13 12.70
CA GLN A 68 5.61 -0.40 13.47
C GLN A 68 6.26 0.87 13.99
N GLY A 69 6.58 0.86 15.29
CA GLY A 69 7.43 1.88 15.88
C GLY A 69 8.50 1.16 16.68
N ASP A 70 8.73 1.60 17.92
CA ASP A 70 9.62 0.85 18.79
C ASP A 70 9.03 -0.52 19.11
N ALA A 71 7.70 -0.62 19.09
CA ALA A 71 7.04 -1.93 19.17
C ALA A 71 6.19 -2.13 17.92
N THR A 72 5.86 -3.38 17.62
CA THR A 72 4.99 -3.69 16.48
C THR A 72 3.54 -3.68 16.94
N GLN A 73 2.65 -3.12 16.14
CA GLN A 73 1.23 -3.18 16.46
C GLN A 73 0.56 -4.26 15.62
N TYR A 74 0.22 -5.38 16.27
CA TYR A 74 -0.41 -6.50 15.56
C TYR A 74 -1.92 -6.38 15.56
N TRP A 75 -2.45 -5.57 16.47
CA TRP A 75 -3.89 -5.33 16.58
C TRP A 75 -4.12 -4.05 17.37
N PRO A 76 -5.04 -3.17 16.89
CA PRO A 76 -5.77 -3.22 15.63
C PRO A 76 -4.90 -2.72 14.48
N THR A 77 -5.21 -3.13 13.27
CA THR A 77 -4.41 -2.77 12.11
C THR A 77 -5.31 -2.40 10.94
N PRO A 78 -4.72 -1.80 9.89
CA PRO A 78 -5.50 -1.58 8.67
C PRO A 78 -5.42 -2.76 7.70
N SER A 79 -5.25 -3.97 8.23
CA SER A 79 -5.21 -5.16 7.37
C SER A 79 -6.50 -5.24 6.56
N PHE A 80 -6.41 -5.77 5.35
CA PHE A 80 -7.56 -5.74 4.46
C PHE A 80 -7.61 -7.00 3.61
N LYS A 81 -8.56 -7.04 2.69
CA LYS A 81 -8.74 -8.20 1.83
C LYS A 81 -8.63 -7.80 0.36
N SER A 82 -8.22 -8.74 -0.46
CA SER A 82 -8.11 -8.50 -1.90
C SER A 82 -8.79 -9.63 -2.66
N THR A 83 -9.23 -9.31 -3.87
CA THR A 83 -9.83 -10.30 -4.77
C THR A 83 -9.15 -10.18 -6.13
N THR A 84 -9.62 -10.94 -7.12
CA THR A 84 -8.98 -10.94 -8.43
C THR A 84 -9.47 -9.79 -9.32
N GLU A 85 -10.39 -8.98 -8.81
CA GLU A 85 -10.81 -7.77 -9.49
C GLU A 85 -10.44 -6.58 -8.62
N TRP A 86 -10.19 -5.42 -9.22
CA TRP A 86 -9.93 -4.23 -8.41
C TRP A 86 -11.07 -3.99 -7.42
N THR A 87 -10.74 -3.81 -6.15
CA THR A 87 -11.72 -3.37 -5.16
C THR A 87 -11.13 -2.25 -4.32
N THR A 88 -12.00 -1.44 -3.73
CA THR A 88 -11.54 -0.36 -2.86
C THR A 88 -11.51 -0.79 -1.41
N VAL A 89 -10.52 -0.27 -0.70
CA VAL A 89 -10.24 -0.60 0.68
C VAL A 89 -10.32 0.67 1.52
N ALA A 90 -10.96 0.57 2.67
CA ALA A 90 -10.89 1.64 3.66
C ALA A 90 -10.91 1.01 5.04
N GLN A 91 -9.78 1.06 5.73
CA GLN A 91 -9.67 0.42 7.03
C GLN A 91 -9.09 1.37 8.06
N ALA A 92 -9.86 1.63 9.11
CA ALA A 92 -9.42 2.51 10.18
C ALA A 92 -8.83 1.70 11.33
N PHE A 93 -7.91 2.32 12.06
CA PHE A 93 -7.31 1.68 13.23
C PHE A 93 -6.74 2.77 14.14
N GLU A 94 -6.83 2.56 15.45
CA GLU A 94 -6.24 3.49 16.41
C GLU A 94 -4.80 3.12 16.72
N ALA A 95 -3.88 4.06 16.56
CA ALA A 95 -2.50 3.86 16.97
C ALA A 95 -2.44 3.71 18.48
N LYS A 96 -1.70 2.72 18.96
CA LYS A 96 -1.58 2.51 20.40
C LYS A 96 -0.21 2.96 20.93
N SER A 97 0.60 3.50 20.02
CA SER A 97 1.94 3.99 20.35
C SER A 97 2.39 4.85 19.18
N ALA A 98 3.58 5.43 19.28
CA ALA A 98 4.13 6.18 18.15
C ALA A 98 4.60 5.20 17.09
N LEU A 99 4.04 5.30 15.88
CA LEU A 99 4.34 4.37 14.80
C LEU A 99 4.89 5.11 13.59
N LYS A 100 5.97 4.61 13.01
CA LYS A 100 6.62 5.34 11.92
C LYS A 100 6.62 4.60 10.58
N GLN A 101 6.17 3.34 10.57
CA GLN A 101 6.25 2.53 9.36
C GLN A 101 5.01 1.61 9.24
N LEU A 102 4.56 1.39 7.99
CA LEU A 102 3.57 0.35 7.71
C LEU A 102 4.26 -0.83 7.08
N ARG A 103 4.14 -2.00 7.70
CA ARG A 103 4.72 -3.23 7.15
C ARG A 103 3.64 -4.06 6.47
N PHE A 104 3.73 -4.20 5.14
CA PHE A 104 2.84 -5.10 4.41
C PHE A 104 3.47 -6.49 4.45
N GLU A 105 2.79 -7.43 5.10
CA GLU A 105 3.29 -8.79 5.27
C GLU A 105 2.80 -9.67 4.14
N LEU A 106 3.67 -9.94 3.18
CA LEU A 106 3.27 -10.63 1.96
C LEU A 106 3.80 -12.05 1.88
N GLY A 107 4.43 -12.52 2.94
CA GLY A 107 5.20 -13.75 2.87
C GLY A 107 4.41 -15.01 2.56
N THR A 108 3.19 -15.11 3.07
CA THR A 108 2.41 -16.32 2.83
C THR A 108 1.60 -16.25 1.54
N LEU A 109 1.69 -15.13 0.82
CA LEU A 109 0.94 -14.97 -0.43
C LEU A 109 1.71 -15.56 -1.61
N GLY A 110 0.96 -15.89 -2.67
CA GLY A 110 1.56 -16.32 -3.91
C GLY A 110 0.98 -15.55 -5.08
N GLY A 111 1.74 -15.49 -6.17
CA GLY A 111 1.26 -14.85 -7.38
C GLY A 111 1.61 -13.37 -7.45
N ASP A 112 0.61 -12.57 -7.78
CA ASP A 112 0.81 -11.16 -8.11
C ASP A 112 -0.06 -10.26 -7.25
N ILE A 113 0.43 -9.07 -6.96
CA ILE A 113 -0.41 -8.06 -6.29
C ILE A 113 -0.18 -6.71 -6.97
N TRP A 114 -1.28 -5.99 -7.17
CA TRP A 114 -1.27 -4.62 -7.68
C TRP A 114 -1.97 -3.71 -6.66
N MET A 115 -1.44 -2.51 -6.45
CA MET A 115 -2.06 -1.55 -5.56
C MET A 115 -2.00 -0.15 -6.17
N ASP A 116 -2.98 0.69 -5.82
CA ASP A 116 -3.01 2.05 -6.34
C ASP A 116 -3.81 2.94 -5.41
N ASP A 117 -3.65 4.25 -5.58
CA ASP A 117 -4.44 5.23 -4.86
C ASP A 117 -4.36 5.04 -3.35
N VAL A 118 -3.13 4.82 -2.88
CA VAL A 118 -2.89 4.56 -1.47
C VAL A 118 -2.86 5.88 -0.68
N GLN A 119 -3.73 5.97 0.30
CA GLN A 119 -3.78 7.11 1.21
C GLN A 119 -3.76 6.62 2.64
N LEU A 120 -3.25 7.45 3.54
CA LEU A 120 -3.37 7.17 4.97
C LEU A 120 -3.76 8.46 5.65
N LEU A 121 -5.02 8.52 6.07
CA LEU A 121 -5.59 9.78 6.57
C LEU A 121 -5.59 9.86 8.08
N ASP A 122 -5.08 10.97 8.61
CA ASP A 122 -5.12 11.15 10.06
C ASP A 122 -6.54 11.60 10.44
N PRO A 123 -6.84 11.77 11.75
CA PRO A 123 -8.22 12.12 12.09
C PRO A 123 -8.76 13.41 11.46
N ASP A 124 -7.87 14.33 11.11
CA ASP A 124 -8.31 15.60 10.51
C ASP A 124 -8.49 15.47 9.00
N GLY A 125 -7.97 14.38 8.46
CA GLY A 125 -8.07 14.12 7.03
C GLY A 125 -6.78 14.30 6.24
N ASN A 126 -5.69 14.67 6.92
CA ASN A 126 -4.43 14.85 6.23
C ASN A 126 -3.93 13.52 5.68
N ASN A 127 -3.50 13.50 4.43
CA ASN A 127 -2.96 12.29 3.82
C ASN A 127 -1.46 12.17 4.09
N LEU A 128 -1.07 11.07 4.72
CA LEU A 128 0.32 10.88 5.14
C LEU A 128 1.12 9.96 4.21
N ILE A 129 0.55 9.58 3.07
CA ILE A 129 1.31 8.82 2.08
C ILE A 129 1.84 9.74 1.00
N ALA A 130 3.16 9.81 0.89
CA ALA A 130 3.82 10.74 -0.04
C ALA A 130 3.58 10.37 -1.50
N ASN A 131 3.66 9.08 -1.81
CA ASN A 131 3.55 8.61 -3.18
C ASN A 131 2.60 7.44 -3.28
N GLY A 132 1.32 7.75 -3.44
CA GLY A 132 0.28 6.73 -3.49
C GLY A 132 -0.34 6.55 -4.86
N THR A 133 0.09 7.34 -5.84
CA THR A 133 -0.49 7.23 -7.19
C THR A 133 0.36 6.50 -8.22
N PHE A 134 1.67 6.40 -7.99
CA PHE A 134 2.58 5.63 -8.83
C PHE A 134 2.58 6.04 -10.29
N GLU A 135 2.24 7.29 -10.59
CA GLU A 135 2.25 7.73 -11.97
C GLU A 135 3.65 8.09 -12.44
N GLU A 136 4.61 8.14 -11.53
CA GLU A 136 6.00 8.38 -11.92
C GLU A 136 6.93 7.23 -11.53
N ASN A 137 6.78 6.74 -10.30
CA ASN A 137 7.65 5.70 -9.79
C ASN A 137 7.11 5.17 -8.47
N ALA A 138 7.87 4.28 -7.83
CA ALA A 138 7.48 3.77 -6.53
C ALA A 138 8.39 4.27 -5.40
N ASP A 139 8.91 5.49 -5.55
CA ASP A 139 9.74 6.08 -4.51
C ASP A 139 8.99 6.13 -3.18
N GLY A 140 9.68 5.73 -2.11
CA GLY A 140 9.09 5.75 -0.79
C GLY A 140 8.64 4.37 -0.35
N TRP A 141 8.57 3.46 -1.31
CA TRP A 141 8.16 2.09 -1.03
C TRP A 141 9.41 1.22 -1.03
N THR A 142 9.68 0.56 0.09
CA THR A 142 10.91 -0.22 0.21
C THR A 142 10.69 -1.65 0.69
N LYS A 143 11.79 -2.39 0.78
CA LYS A 143 11.75 -3.77 1.23
C LYS A 143 13.07 -4.08 1.95
N PRO A 144 13.11 -5.16 2.73
CA PRO A 144 14.42 -5.59 3.23
C PRO A 144 15.32 -5.92 2.05
N SER A 145 16.60 -5.56 2.13
CA SER A 145 17.49 -5.74 0.99
C SER A 145 17.60 -7.20 0.56
N TRP A 146 17.42 -8.12 1.51
CA TRP A 146 17.59 -9.54 1.21
C TRP A 146 16.30 -10.24 0.75
N HIS A 147 15.19 -9.50 0.70
CA HIS A 147 13.98 -10.05 0.10
C HIS A 147 14.08 -9.96 -1.41
N GLU A 148 14.06 -11.11 -2.08
CA GLU A 148 14.34 -11.15 -3.50
C GLU A 148 13.08 -11.04 -4.34
N TYR A 149 12.60 -9.80 -4.49
CA TYR A 149 11.51 -9.51 -5.41
C TYR A 149 11.70 -8.07 -5.89
N GLU A 150 10.97 -7.68 -6.93
CA GLU A 150 11.09 -6.32 -7.46
C GLU A 150 9.84 -5.49 -7.19
N ILE A 151 10.06 -4.27 -6.72
CA ILE A 151 8.99 -3.28 -6.62
C ILE A 151 8.96 -2.51 -7.93
N LYS A 152 7.85 -2.62 -8.66
CA LYS A 152 7.71 -1.99 -9.97
C LYS A 152 6.49 -1.08 -10.00
N THR A 153 6.43 -0.20 -11.00
CA THR A 153 5.16 0.41 -11.36
C THR A 153 4.85 -0.01 -12.79
N VAL A 154 3.59 -0.31 -13.05
CA VAL A 154 3.19 -0.82 -14.36
C VAL A 154 1.86 -0.23 -14.77
N ALA A 155 1.54 -0.33 -16.05
CA ALA A 155 0.22 0.03 -16.52
C ALA A 155 -0.81 -0.85 -15.84
N ASP A 156 -1.93 -0.24 -15.42
CA ASP A 156 -3.04 -0.97 -14.82
C ASP A 156 -3.41 -2.17 -15.70
N PRO A 157 -3.37 -3.39 -15.13
CA PRO A 157 -3.56 -4.60 -15.93
C PRO A 157 -4.96 -4.76 -16.52
N ASP A 158 -5.95 -4.14 -15.91
CA ASP A 158 -7.33 -4.37 -16.32
C ASP A 158 -7.86 -3.26 -17.22
N GLN A 159 -6.95 -2.45 -17.74
CA GLN A 159 -7.31 -1.52 -18.81
C GLN A 159 -7.05 -2.19 -20.15
#